data_1X0M
#
_entry.id   1X0M
#
_cell.length_a   71.751
_cell.length_b   86.839
_cell.length_c   137.300
_cell.angle_alpha   90.00
_cell.angle_beta   90.00
_cell.angle_gamma   90.00
#
_symmetry.space_group_name_H-M   'C 2 2 21'
#
loop_
_entity.id
_entity.type
_entity.pdbx_description
1 polymer 'Aminotransferase II Homologue'
2 water water
#
_entity_poly.entity_id   1
_entity_poly.type   'polypeptide(L)'
_entity_poly.pdbx_seq_one_letter_code
;MLGDVERFFSKKALEMRASEVRELLKLVETSDIISLAGGLPNPKTFPKEIIRDILVEIMEKYADKALQYGTTKGFTPLRE
TLMKWLGKRYGISQDNDIMITSGSQQALDLIGRVFLNPGDIVVVEAPTYLAALQAFNFYEPQYIQIPLDDEGMKVEILEE
KLKELKSQGKKVKVVYTVPTFQNPAGVTMNEDRRKYLLELASEYDFIVVEDDPYGELRYSGNPEKKIKALDNEGRVIYLG
TFSKILAPGFRIGWMVGDPGIIRKMEIAKQSTDLCTNVFGQVVAWRYVDGGYLEKHIPEIRKFYKPRRDAMLEALEEFMP
EGVKWTKPEGGMFIWVTLPDGIDSKKMLERAIKKGVAYVPGEAFYAHRDVKNTMRLNFTYVDEDKIMEGIKRLAETIKEE
LKA
;
_entity_poly.pdbx_strand_id   A
#
# COMPACT_ATOMS: atom_id res chain seq x y z
N MET A 1 -24.92 -29.00 18.19
CA MET A 1 -24.86 -28.06 19.33
C MET A 1 -24.31 -26.69 18.93
N LEU A 2 -23.13 -26.67 18.32
CA LEU A 2 -22.51 -25.42 17.89
C LEU A 2 -22.22 -24.54 19.10
N GLY A 3 -21.65 -25.15 20.15
CA GLY A 3 -21.34 -24.41 21.36
C GLY A 3 -20.21 -23.41 21.23
N ASP A 4 -19.78 -22.84 22.36
CA ASP A 4 -18.70 -21.87 22.39
C ASP A 4 -17.42 -22.44 21.78
N VAL A 5 -17.21 -22.17 20.50
CA VAL A 5 -16.05 -22.66 19.78
C VAL A 5 -14.74 -22.13 20.38
N GLU A 6 -14.88 -21.09 21.19
CA GLU A 6 -13.74 -20.45 21.85
C GLU A 6 -12.74 -21.47 22.38
N ARG A 7 -13.27 -22.56 22.95
CA ARG A 7 -12.43 -23.61 23.54
C ARG A 7 -11.40 -24.17 22.54
N PHE A 8 -11.73 -24.12 21.25
CA PHE A 8 -10.85 -24.65 20.20
C PHE A 8 -9.83 -23.67 19.62
N PHE A 9 -10.16 -22.39 19.61
CA PHE A 9 -9.29 -21.38 19.03
C PHE A 9 -7.90 -21.32 19.67
N SER A 10 -6.90 -21.01 18.86
CA SER A 10 -5.53 -20.89 19.35
C SER A 10 -5.36 -19.53 20.05
N LYS A 11 -4.24 -19.36 20.74
CA LYS A 11 -3.96 -18.12 21.46
C LYS A 11 -3.86 -16.94 20.50
N LYS A 12 -3.22 -17.16 19.36
CA LYS A 12 -3.04 -16.13 18.35
C LYS A 12 -4.35 -15.82 17.64
N ALA A 13 -5.33 -16.69 17.81
CA ALA A 13 -6.64 -16.52 17.17
C ALA A 13 -7.64 -15.88 18.12
N LEU A 14 -7.45 -16.12 19.42
CA LEU A 14 -8.34 -15.56 20.43
C LEU A 14 -8.21 -14.04 20.49
N GLU A 15 -7.00 -13.55 20.22
CA GLU A 15 -6.72 -12.12 20.23
C GLU A 15 -7.21 -11.45 18.94
N MET A 16 -7.38 -12.23 17.88
CA MET A 16 -7.83 -11.72 16.59
C MET A 16 -9.15 -10.95 16.68
N ARG A 17 -9.22 -9.84 15.96
CA ARG A 17 -10.41 -8.99 15.93
C ARG A 17 -10.68 -8.50 14.51
N ALA A 18 -11.94 -8.22 14.21
CA ALA A 18 -12.32 -7.74 12.90
C ALA A 18 -11.65 -6.40 12.60
N SER A 19 -11.35 -6.15 11.32
CA SER A 19 -10.72 -4.90 10.93
C SER A 19 -11.69 -3.74 11.09
N GLU A 20 -11.34 -2.80 11.97
CA GLU A 20 -12.19 -1.64 12.25
C GLU A 20 -12.49 -0.79 11.01
N VAL A 21 -11.46 -0.54 10.20
CA VAL A 21 -11.61 0.25 8.99
C VAL A 21 -12.68 -0.34 8.08
N ARG A 22 -12.82 -1.67 8.11
CA ARG A 22 -13.81 -2.34 7.29
C ARG A 22 -15.20 -2.24 7.92
N GLU A 23 -15.24 -2.20 9.25
CA GLU A 23 -16.48 -2.10 9.99
C GLU A 23 -17.28 -0.85 9.62
N LEU A 24 -16.57 0.21 9.23
CA LEU A 24 -17.22 1.46 8.85
C LEU A 24 -17.37 1.55 7.35
N LEU A 25 -16.47 0.91 6.62
CA LEU A 25 -16.52 0.91 5.16
C LEU A 25 -17.85 0.32 4.70
N LYS A 26 -18.18 -0.85 5.23
CA LYS A 26 -19.42 -1.53 4.88
C LYS A 26 -20.59 -0.75 5.48
N LEU A 27 -20.31 -0.03 6.57
CA LEU A 27 -21.31 0.77 7.25
C LEU A 27 -21.77 1.92 6.34
N VAL A 28 -20.84 2.47 5.56
CA VAL A 28 -21.16 3.58 4.65
C VAL A 28 -21.70 3.05 3.33
N GLU A 29 -21.48 1.76 3.08
CA GLU A 29 -21.93 1.11 1.86
C GLU A 29 -23.43 1.29 1.66
N THR A 30 -23.88 1.17 0.42
CA THR A 30 -25.30 1.31 0.07
C THR A 30 -25.97 2.53 0.69
N SER A 31 -25.26 3.65 0.74
CA SER A 31 -25.80 4.89 1.30
C SER A 31 -25.52 6.05 0.36
N ASP A 32 -26.40 7.06 0.40
CA ASP A 32 -26.25 8.24 -0.45
C ASP A 32 -25.18 9.19 0.09
N ILE A 33 -24.77 8.97 1.33
CA ILE A 33 -23.75 9.79 1.97
C ILE A 33 -22.46 9.77 1.17
N ILE A 34 -21.85 10.95 0.99
CA ILE A 34 -20.60 11.05 0.24
C ILE A 34 -19.44 10.44 1.04
N SER A 35 -18.99 9.27 0.62
CA SER A 35 -17.91 8.58 1.29
C SER A 35 -16.55 8.86 0.65
N LEU A 36 -15.60 9.27 1.47
CA LEU A 36 -14.25 9.52 0.98
C LEU A 36 -13.36 8.56 1.76
N ALA A 37 -13.98 7.57 2.38
CA ALA A 37 -13.28 6.58 3.20
C ALA A 37 -12.73 5.40 2.43
N GLY A 38 -13.26 5.15 1.24
CA GLY A 38 -12.80 4.02 0.45
C GLY A 38 -11.34 4.04 0.04
N GLY A 39 -10.91 2.97 -0.62
CA GLY A 39 -9.54 2.86 -1.09
C GLY A 39 -9.51 2.07 -2.38
N LEU A 40 -10.65 1.99 -3.05
CA LEU A 40 -10.76 1.22 -4.28
C LEU A 40 -10.47 2.03 -5.55
N PRO A 41 -9.92 1.37 -6.60
CA PRO A 41 -9.66 2.14 -7.81
C PRO A 41 -11.01 2.33 -8.48
N ASN A 42 -11.11 3.28 -9.41
CA ASN A 42 -12.38 3.53 -10.09
C ASN A 42 -12.54 2.52 -11.23
N PRO A 43 -13.65 1.78 -11.26
CA PRO A 43 -13.87 0.79 -12.31
C PRO A 43 -13.71 1.37 -13.71
N LYS A 44 -13.87 2.68 -13.83
CA LYS A 44 -13.73 3.32 -15.14
C LYS A 44 -12.32 3.23 -15.70
N THR A 45 -11.35 2.99 -14.82
CA THR A 45 -9.96 2.88 -15.24
C THR A 45 -9.60 1.45 -15.63
N PHE A 46 -10.57 0.53 -15.56
CA PHE A 46 -10.30 -0.86 -15.92
C PHE A 46 -10.24 -0.98 -17.44
N PRO A 47 -9.12 -1.49 -17.98
CA PRO A 47 -8.99 -1.65 -19.43
C PRO A 47 -9.83 -2.84 -19.94
N LYS A 48 -11.15 -2.70 -19.87
CA LYS A 48 -12.05 -3.76 -20.28
C LYS A 48 -11.86 -4.29 -21.70
N GLU A 49 -11.77 -3.41 -22.69
CA GLU A 49 -11.59 -3.87 -24.06
C GLU A 49 -10.30 -4.68 -24.19
N ILE A 50 -9.23 -4.17 -23.58
CA ILE A 50 -7.93 -4.84 -23.62
C ILE A 50 -8.02 -6.20 -22.90
N ILE A 51 -8.76 -6.22 -21.78
CA ILE A 51 -8.93 -7.46 -21.00
C ILE A 51 -9.70 -8.45 -21.86
N ARG A 52 -10.75 -7.97 -22.53
CA ARG A 52 -11.56 -8.82 -23.38
C ARG A 52 -10.69 -9.45 -24.48
N ASP A 53 -9.85 -8.64 -25.12
CA ASP A 53 -8.98 -9.16 -26.19
C ASP A 53 -7.98 -10.19 -25.69
N ILE A 54 -7.44 -9.95 -24.50
CA ILE A 54 -6.48 -10.87 -23.91
C ILE A 54 -7.14 -12.20 -23.55
N LEU A 55 -8.37 -12.14 -23.03
CA LEU A 55 -9.08 -13.35 -22.64
C LEU A 55 -9.32 -14.24 -23.85
N VAL A 56 -9.74 -13.64 -24.97
CA VAL A 56 -9.98 -14.39 -26.20
C VAL A 56 -8.68 -14.98 -26.70
N GLU A 57 -7.63 -14.16 -26.67
CA GLU A 57 -6.31 -14.58 -27.09
C GLU A 57 -5.82 -15.79 -26.31
N ILE A 58 -6.05 -15.76 -25.00
CA ILE A 58 -5.63 -16.85 -24.12
C ILE A 58 -6.35 -18.16 -24.41
N MET A 59 -7.67 -18.10 -24.57
CA MET A 59 -8.44 -19.29 -24.83
C MET A 59 -8.16 -19.95 -26.16
N GLU A 60 -7.34 -19.33 -27.01
CA GLU A 60 -7.04 -19.93 -28.30
C GLU A 60 -5.55 -20.16 -28.50
N LYS A 61 -4.72 -19.47 -27.72
CA LYS A 61 -3.28 -19.59 -27.82
C LYS A 61 -2.59 -20.25 -26.64
N TYR A 62 -3.03 -19.93 -25.42
CA TYR A 62 -2.42 -20.49 -24.21
C TYR A 62 -3.43 -21.09 -23.23
N ALA A 63 -4.48 -21.71 -23.76
CA ALA A 63 -5.53 -22.29 -22.93
C ALA A 63 -5.02 -23.25 -21.85
N ASP A 64 -4.17 -24.20 -22.22
CA ASP A 64 -3.65 -25.18 -21.25
C ASP A 64 -2.73 -24.56 -20.20
N LYS A 65 -1.86 -23.65 -20.62
CA LYS A 65 -0.95 -23.02 -19.69
C LYS A 65 -1.65 -22.09 -18.70
N ALA A 66 -2.83 -21.59 -19.05
CA ALA A 66 -3.58 -20.71 -18.16
C ALA A 66 -4.52 -21.48 -17.24
N LEU A 67 -4.91 -22.69 -17.66
CA LEU A 67 -5.82 -23.52 -16.89
C LEU A 67 -5.20 -24.62 -16.03
N GLN A 68 -3.97 -25.01 -16.33
CA GLN A 68 -3.28 -26.05 -15.58
C GLN A 68 -2.52 -25.50 -14.38
N TYR A 69 -2.16 -26.38 -13.44
CA TYR A 69 -1.39 -25.97 -12.26
C TYR A 69 -0.05 -25.40 -12.70
N GLY A 70 0.48 -24.46 -11.93
CA GLY A 70 1.77 -23.88 -12.27
C GLY A 70 2.77 -24.09 -11.15
N THR A 71 4.01 -23.65 -11.38
CA THR A 71 5.06 -23.77 -10.37
C THR A 71 4.86 -22.69 -9.31
N THR A 72 5.13 -23.04 -8.06
CA THR A 72 4.99 -22.13 -6.93
C THR A 72 5.60 -20.75 -7.15
N LYS A 73 6.74 -20.72 -7.86
CA LYS A 73 7.44 -19.47 -8.11
C LYS A 73 6.69 -18.51 -9.02
N GLY A 74 5.83 -19.07 -9.87
CA GLY A 74 5.05 -18.25 -10.79
C GLY A 74 5.32 -18.54 -12.26
N PHE A 75 4.39 -18.09 -13.11
CA PHE A 75 4.49 -18.25 -14.57
C PHE A 75 5.83 -17.71 -15.03
N THR A 76 6.64 -18.55 -15.65
CA THR A 76 7.97 -18.15 -16.12
C THR A 76 8.03 -16.93 -17.03
N PRO A 77 7.23 -16.91 -18.11
CA PRO A 77 7.26 -15.74 -19.00
C PRO A 77 6.81 -14.45 -18.32
N LEU A 78 5.95 -14.55 -17.31
CA LEU A 78 5.51 -13.36 -16.58
C LEU A 78 6.69 -12.84 -15.75
N ARG A 79 7.42 -13.76 -15.11
CA ARG A 79 8.57 -13.40 -14.30
C ARG A 79 9.67 -12.75 -15.14
N GLU A 80 9.84 -13.26 -16.36
CA GLU A 80 10.86 -12.73 -17.27
C GLU A 80 10.45 -11.39 -17.83
N THR A 81 9.20 -11.27 -18.25
CA THR A 81 8.75 -10.01 -18.81
C THR A 81 8.77 -8.93 -17.72
N LEU A 82 8.48 -9.30 -16.49
CA LEU A 82 8.48 -8.32 -15.40
C LEU A 82 9.87 -7.78 -15.09
N MET A 83 10.85 -8.68 -15.01
CA MET A 83 12.22 -8.28 -14.72
C MET A 83 12.77 -7.40 -15.85
N LYS A 84 12.39 -7.72 -17.07
CA LYS A 84 12.82 -6.94 -18.21
C LYS A 84 12.21 -5.56 -18.09
N TRP A 85 10.92 -5.53 -17.77
CA TRP A 85 10.19 -4.29 -17.62
C TRP A 85 10.67 -3.41 -16.46
N LEU A 86 10.93 -4.02 -15.30
CA LEU A 86 11.39 -3.29 -14.14
C LEU A 86 12.79 -2.74 -14.38
N GLY A 87 13.60 -3.51 -15.10
CA GLY A 87 14.95 -3.08 -15.41
C GLY A 87 14.95 -1.91 -16.37
N LYS A 88 14.22 -2.07 -17.48
CA LYS A 88 14.13 -1.04 -18.52
C LYS A 88 13.21 0.11 -18.18
N ARG A 89 12.77 0.21 -16.93
CA ARG A 89 11.88 1.30 -16.57
C ARG A 89 12.24 1.95 -15.24
N TYR A 90 12.79 1.15 -14.32
CA TYR A 90 13.16 1.70 -13.02
C TYR A 90 14.65 1.60 -12.75
N GLY A 91 15.34 0.79 -13.55
CA GLY A 91 16.77 0.62 -13.36
C GLY A 91 17.13 -0.41 -12.30
N ILE A 92 16.21 -1.34 -12.04
CA ILE A 92 16.46 -2.38 -11.05
C ILE A 92 17.37 -3.43 -11.68
N SER A 93 18.43 -3.83 -10.96
CA SER A 93 19.39 -4.79 -11.50
C SER A 93 18.82 -6.18 -11.74
N GLN A 94 19.30 -6.81 -12.81
CA GLN A 94 18.87 -8.16 -13.17
C GLN A 94 19.49 -9.20 -12.24
N ASP A 95 20.40 -8.74 -11.38
CA ASP A 95 21.07 -9.62 -10.42
C ASP A 95 20.08 -10.17 -9.40
N ASN A 96 18.91 -9.54 -9.31
CA ASN A 96 17.85 -9.96 -8.39
C ASN A 96 16.97 -11.05 -9.02
N ASP A 97 16.33 -11.84 -8.18
CA ASP A 97 15.43 -12.90 -8.62
C ASP A 97 14.02 -12.32 -8.46
N ILE A 98 13.01 -13.10 -8.82
CA ILE A 98 11.63 -12.63 -8.70
C ILE A 98 10.64 -13.79 -8.50
N MET A 99 9.61 -13.55 -7.68
CA MET A 99 8.57 -14.52 -7.41
C MET A 99 7.22 -13.82 -7.54
N ILE A 100 6.22 -14.53 -8.05
CA ILE A 100 4.88 -13.95 -8.21
C ILE A 100 4.09 -14.19 -6.93
N THR A 101 3.22 -13.24 -6.58
CA THR A 101 2.39 -13.32 -5.37
C THR A 101 0.95 -12.93 -5.72
N SER A 102 0.12 -12.76 -4.70
CA SER A 102 -1.28 -12.36 -4.88
C SER A 102 -1.41 -10.88 -4.51
N GLY A 103 -0.29 -10.29 -4.13
CA GLY A 103 -0.30 -8.89 -3.76
C GLY A 103 0.56 -8.64 -2.53
N SER A 104 0.53 -7.43 -2.03
CA SER A 104 1.34 -7.08 -0.86
C SER A 104 0.98 -7.87 0.39
N GLN A 105 -0.32 -8.10 0.61
CA GLN A 105 -0.78 -8.83 1.77
C GLN A 105 -0.08 -10.18 1.90
N GLN A 106 -0.16 -10.99 0.85
CA GLN A 106 0.47 -12.30 0.88
C GLN A 106 1.99 -12.14 0.95
N ALA A 107 2.55 -11.26 0.12
CA ALA A 107 3.99 -11.06 0.12
C ALA A 107 4.51 -10.70 1.52
N LEU A 108 3.76 -9.86 2.24
CA LEU A 108 4.16 -9.45 3.58
C LEU A 108 3.99 -10.58 4.59
N ASP A 109 2.97 -11.41 4.38
CA ASP A 109 2.73 -12.56 5.24
C ASP A 109 3.96 -13.48 5.14
N LEU A 110 4.41 -13.74 3.90
CA LEU A 110 5.57 -14.61 3.70
C LEU A 110 6.83 -14.01 4.31
N ILE A 111 7.01 -12.71 4.13
CA ILE A 111 8.17 -12.03 4.68
C ILE A 111 8.18 -12.15 6.20
N GLY A 112 7.06 -11.82 6.84
CA GLY A 112 6.99 -11.92 8.28
C GLY A 112 7.23 -13.35 8.74
N ARG A 113 6.94 -14.29 7.84
CA ARG A 113 7.09 -15.70 8.14
C ARG A 113 8.55 -16.16 8.07
N VAL A 114 9.26 -15.68 7.06
CA VAL A 114 10.64 -16.05 6.83
C VAL A 114 11.65 -15.22 7.63
N PHE A 115 11.25 -14.03 8.06
CA PHE A 115 12.14 -13.16 8.79
C PHE A 115 11.78 -12.88 10.24
N LEU A 116 10.50 -12.99 10.58
CA LEU A 116 10.08 -12.64 11.93
C LEU A 116 9.90 -13.71 13.01
N ASN A 117 10.71 -13.56 14.07
CA ASN A 117 10.62 -14.43 15.23
C ASN A 117 9.89 -13.55 16.24
N PRO A 118 9.11 -14.14 17.15
CA PRO A 118 8.37 -13.36 18.15
C PRO A 118 9.29 -12.41 18.90
N GLY A 119 9.00 -11.11 18.81
CA GLY A 119 9.83 -10.14 19.49
C GLY A 119 10.80 -9.38 18.60
N ASP A 120 10.97 -9.81 17.35
CA ASP A 120 11.87 -9.12 16.43
C ASP A 120 11.40 -7.70 16.14
N ILE A 121 12.34 -6.78 16.00
CA ILE A 121 12.00 -5.39 15.77
C ILE A 121 11.74 -5.06 14.31
N VAL A 122 10.57 -4.47 14.07
CA VAL A 122 10.19 -4.06 12.72
C VAL A 122 9.97 -2.55 12.76
N VAL A 123 10.62 -1.86 11.83
CA VAL A 123 10.48 -0.42 11.72
C VAL A 123 9.42 -0.15 10.67
N VAL A 124 8.48 0.72 11.02
CA VAL A 124 7.40 1.07 10.10
C VAL A 124 7.19 2.59 10.20
N GLU A 125 6.66 3.19 9.13
CA GLU A 125 6.39 4.62 9.14
C GLU A 125 5.15 4.88 10.01
N ALA A 126 4.92 6.14 10.37
CA ALA A 126 3.76 6.51 11.18
C ALA A 126 3.14 7.77 10.54
N PRO A 127 1.98 7.62 9.88
CA PRO A 127 1.21 6.40 9.65
C PRO A 127 1.85 5.43 8.67
N THR A 128 1.22 4.27 8.49
CA THR A 128 1.73 3.27 7.56
C THR A 128 0.59 2.47 6.95
N TYR A 129 0.91 1.62 5.98
CA TYR A 129 -0.08 0.79 5.29
C TYR A 129 -0.74 -0.18 6.27
N LEU A 130 -2.00 0.05 6.59
CA LEU A 130 -2.72 -0.80 7.53
C LEU A 130 -2.56 -2.31 7.26
N ALA A 131 -2.57 -2.69 5.98
CA ALA A 131 -2.41 -4.09 5.59
C ALA A 131 -1.13 -4.72 6.16
N ALA A 132 -0.03 -3.98 6.10
CA ALA A 132 1.24 -4.46 6.60
C ALA A 132 1.15 -4.81 8.08
N LEU A 133 0.50 -3.96 8.86
CA LEU A 133 0.35 -4.20 10.29
C LEU A 133 -0.43 -5.50 10.50
N GLN A 134 -1.48 -5.69 9.70
CA GLN A 134 -2.30 -6.90 9.79
C GLN A 134 -1.46 -8.16 9.54
N ALA A 135 -0.65 -8.12 8.48
CA ALA A 135 0.19 -9.23 8.08
C ALA A 135 1.28 -9.60 9.10
N PHE A 136 1.95 -8.59 9.66
CA PHE A 136 3.02 -8.82 10.62
C PHE A 136 2.61 -9.10 12.05
N ASN A 137 1.45 -8.60 12.46
CA ASN A 137 0.98 -8.81 13.83
C ASN A 137 0.95 -10.26 14.26
N PHE A 138 0.69 -11.16 13.32
CA PHE A 138 0.64 -12.58 13.62
C PHE A 138 1.99 -13.09 14.12
N TYR A 139 3.08 -12.48 13.65
CA TYR A 139 4.42 -12.91 14.05
C TYR A 139 4.95 -12.20 15.31
N GLU A 140 4.05 -11.48 15.97
CA GLU A 140 4.32 -10.76 17.19
C GLU A 140 5.63 -9.97 17.19
N PRO A 141 5.80 -9.07 16.21
CA PRO A 141 7.04 -8.28 16.15
C PRO A 141 6.93 -7.10 17.09
N GLN A 142 8.06 -6.46 17.35
CA GLN A 142 8.10 -5.28 18.19
C GLN A 142 8.16 -4.13 17.20
N TYR A 143 7.21 -3.20 17.29
CA TYR A 143 7.17 -2.09 16.36
C TYR A 143 7.86 -0.81 16.81
N ILE A 144 8.53 -0.16 15.88
CA ILE A 144 9.17 1.11 16.13
C ILE A 144 8.67 2.02 15.00
N GLN A 145 7.94 3.06 15.37
CA GLN A 145 7.36 4.00 14.41
C GLN A 145 8.25 5.20 14.13
N ILE A 146 8.42 5.53 12.85
CA ILE A 146 9.19 6.70 12.44
C ILE A 146 8.22 7.67 11.74
N PRO A 147 8.03 8.86 12.32
CA PRO A 147 7.12 9.85 11.72
C PRO A 147 7.51 10.31 10.32
N LEU A 148 6.51 10.79 9.58
CA LEU A 148 6.70 11.28 8.21
C LEU A 148 6.47 12.78 8.16
N ASP A 149 7.05 13.43 7.17
CA ASP A 149 6.84 14.86 6.96
C ASP A 149 6.44 14.98 5.49
N ASP A 150 6.42 16.20 4.95
CA ASP A 150 6.01 16.34 3.56
C ASP A 150 6.96 15.68 2.57
N GLU A 151 8.07 15.15 3.07
CA GLU A 151 9.03 14.47 2.20
C GLU A 151 9.27 13.02 2.60
N GLY A 152 8.24 12.40 3.17
CA GLY A 152 8.34 11.00 3.56
C GLY A 152 8.94 10.77 4.93
N MET A 153 9.42 9.56 5.14
CA MET A 153 10.02 9.16 6.41
C MET A 153 11.16 10.08 6.81
N LYS A 154 11.15 10.53 8.06
CA LYS A 154 12.22 11.36 8.58
C LYS A 154 13.29 10.35 9.02
N VAL A 155 14.18 10.04 8.08
CA VAL A 155 15.24 9.07 8.29
C VAL A 155 16.20 9.45 9.41
N GLU A 156 16.32 10.74 9.69
CA GLU A 156 17.20 11.21 10.75
C GLU A 156 16.73 10.70 12.12
N ILE A 157 15.41 10.61 12.31
CA ILE A 157 14.83 10.10 13.55
C ILE A 157 15.08 8.59 13.62
N LEU A 158 15.17 7.96 12.44
CA LEU A 158 15.43 6.53 12.38
C LEU A 158 16.84 6.27 12.92
N GLU A 159 17.81 7.04 12.44
CA GLU A 159 19.19 6.86 12.91
C GLU A 159 19.22 7.03 14.42
N GLU A 160 18.43 7.96 14.93
CA GLU A 160 18.34 8.21 16.35
C GLU A 160 17.87 6.96 17.08
N LYS A 161 16.77 6.38 16.63
CA LYS A 161 16.25 5.17 17.28
C LYS A 161 17.19 3.96 17.09
N LEU A 162 17.91 3.92 15.98
CA LEU A 162 18.84 2.85 15.70
C LEU A 162 20.03 2.91 16.67
N LYS A 163 20.49 4.12 16.97
CA LYS A 163 21.60 4.32 17.91
C LYS A 163 21.11 4.00 19.31
N GLU A 164 19.87 4.37 19.58
CA GLU A 164 19.25 4.14 20.89
C GLU A 164 19.10 2.65 21.15
N LEU A 165 18.69 1.89 20.13
CA LEU A 165 18.52 0.45 20.25
C LEU A 165 19.87 -0.22 20.44
N LYS A 166 20.85 0.23 19.68
CA LYS A 166 22.19 -0.32 19.78
C LYS A 166 22.71 -0.17 21.21
N SER A 167 22.43 0.96 21.85
CA SER A 167 22.89 1.17 23.21
C SER A 167 22.24 0.16 24.16
N GLN A 168 21.16 -0.46 23.70
CA GLN A 168 20.45 -1.45 24.51
C GLN A 168 20.81 -2.88 24.05
N GLY A 169 21.85 -2.97 23.23
CA GLY A 169 22.29 -4.27 22.73
C GLY A 169 21.29 -4.94 21.81
N LYS A 170 20.46 -4.13 21.15
CA LYS A 170 19.43 -4.63 20.24
C LYS A 170 19.57 -4.09 18.82
N LYS A 171 18.86 -4.69 17.87
CA LYS A 171 18.90 -4.26 16.48
C LYS A 171 17.55 -4.46 15.77
N VAL A 172 17.42 -3.82 14.63
CA VAL A 172 16.23 -3.90 13.80
C VAL A 172 16.39 -5.01 12.79
N LYS A 173 15.34 -5.79 12.59
CA LYS A 173 15.34 -6.89 11.63
C LYS A 173 14.91 -6.38 10.26
N VAL A 174 13.75 -5.73 10.21
CA VAL A 174 13.22 -5.22 8.95
C VAL A 174 12.69 -3.79 9.02
N VAL A 175 12.92 -3.05 7.94
CA VAL A 175 12.38 -1.71 7.83
C VAL A 175 11.38 -1.76 6.70
N TYR A 176 10.10 -1.52 7.02
CA TYR A 176 9.05 -1.56 6.01
C TYR A 176 8.59 -0.16 5.64
N THR A 177 8.58 0.14 4.34
CA THR A 177 8.17 1.46 3.89
C THR A 177 7.38 1.47 2.58
N VAL A 178 6.52 2.48 2.44
CA VAL A 178 5.77 2.71 1.22
C VAL A 178 6.21 4.14 0.91
N PRO A 179 7.38 4.26 0.25
CA PRO A 179 8.03 5.52 -0.14
C PRO A 179 7.43 6.41 -1.23
N THR A 180 6.48 5.90 -2.01
CA THR A 180 5.88 6.72 -3.07
C THR A 180 4.35 6.74 -2.97
N PHE A 181 3.77 7.95 -2.96
CA PHE A 181 2.32 8.17 -2.81
C PHE A 181 1.76 7.23 -1.77
N GLN A 182 2.31 7.34 -0.56
CA GLN A 182 1.93 6.46 0.54
C GLN A 182 0.45 6.37 0.87
N ASN A 183 0.07 5.17 1.29
CA ASN A 183 -1.27 4.91 1.76
C ASN A 183 -0.92 4.87 3.25
N PRO A 184 -1.51 5.77 4.06
CA PRO A 184 -2.54 6.77 3.75
C PRO A 184 -2.06 8.21 3.59
N ALA A 185 -0.81 8.49 3.96
CA ALA A 185 -0.28 9.85 3.93
C ALA A 185 -0.16 10.55 2.56
N GLY A 186 -0.06 9.77 1.49
CA GLY A 186 0.07 10.35 0.16
C GLY A 186 1.35 11.15 -0.02
N VAL A 187 2.37 10.85 0.77
CA VAL A 187 3.64 11.57 0.67
C VAL A 187 4.71 10.69 0.01
N THR A 188 5.79 11.31 -0.48
CA THR A 188 6.87 10.59 -1.16
C THR A 188 8.27 10.87 -0.59
N MET A 189 8.99 9.80 -0.25
CA MET A 189 10.34 9.92 0.28
C MET A 189 11.23 10.53 -0.79
N ASN A 190 11.97 11.57 -0.43
CA ASN A 190 12.86 12.22 -1.40
C ASN A 190 14.10 11.36 -1.65
N GLU A 191 14.78 11.61 -2.77
CA GLU A 191 15.95 10.87 -3.17
C GLU A 191 17.06 10.78 -2.12
N ASP A 192 17.37 11.90 -1.45
CA ASP A 192 18.42 11.88 -0.42
C ASP A 192 18.12 10.96 0.75
N ARG A 193 16.84 10.89 1.14
CA ARG A 193 16.48 10.03 2.25
C ARG A 193 16.49 8.57 1.86
N ARG A 194 16.32 8.27 0.58
CA ARG A 194 16.34 6.89 0.11
C ARG A 194 17.77 6.38 0.25
N LYS A 195 18.73 7.18 -0.21
CA LYS A 195 20.14 6.81 -0.13
C LYS A 195 20.52 6.69 1.34
N TYR A 196 20.07 7.66 2.11
CA TYR A 196 20.32 7.71 3.53
C TYR A 196 19.78 6.44 4.18
N LEU A 197 18.61 5.98 3.73
CA LEU A 197 18.03 4.75 4.30
C LEU A 197 18.93 3.55 4.02
N LEU A 198 19.43 3.46 2.80
CA LEU A 198 20.31 2.36 2.41
C LEU A 198 21.64 2.37 3.17
N GLU A 199 22.15 3.56 3.48
CA GLU A 199 23.40 3.65 4.23
C GLU A 199 23.16 3.09 5.63
N LEU A 200 22.00 3.40 6.21
CA LEU A 200 21.69 2.89 7.54
C LEU A 200 21.49 1.38 7.50
N ALA A 201 20.99 0.88 6.37
CA ALA A 201 20.73 -0.55 6.18
C ALA A 201 22.02 -1.38 6.27
N SER A 202 23.10 -0.86 5.69
CA SER A 202 24.38 -1.56 5.71
C SER A 202 25.08 -1.38 7.07
N GLU A 203 24.96 -0.18 7.62
CA GLU A 203 25.59 0.14 8.90
C GLU A 203 24.98 -0.66 10.05
N TYR A 204 23.65 -0.78 10.06
CA TYR A 204 22.98 -1.52 11.12
C TYR A 204 22.54 -2.90 10.68
N ASP A 205 22.91 -3.27 9.46
CA ASP A 205 22.62 -4.59 8.92
C ASP A 205 21.16 -5.04 9.03
N PHE A 206 20.26 -4.38 8.31
CA PHE A 206 18.87 -4.79 8.32
C PHE A 206 18.37 -4.86 6.90
N ILE A 207 17.16 -5.40 6.72
CA ILE A 207 16.58 -5.52 5.40
C ILE A 207 15.51 -4.46 5.23
N VAL A 208 15.40 -3.96 4.00
CA VAL A 208 14.41 -2.96 3.67
C VAL A 208 13.35 -3.53 2.75
N VAL A 209 12.09 -3.40 3.14
CA VAL A 209 11.00 -3.87 2.29
C VAL A 209 10.36 -2.62 1.68
N GLU A 210 10.38 -2.54 0.36
CA GLU A 210 9.81 -1.40 -0.34
C GLU A 210 8.52 -1.84 -1.03
N ASP A 211 7.39 -1.38 -0.50
CA ASP A 211 6.07 -1.72 -1.03
C ASP A 211 5.69 -0.60 -1.98
N ASP A 212 5.53 -0.92 -3.27
CA ASP A 212 5.23 0.13 -4.24
C ASP A 212 4.05 -0.16 -5.18
N PRO A 213 2.81 -0.10 -4.65
CA PRO A 213 1.59 -0.34 -5.42
C PRO A 213 1.15 0.84 -6.32
N TYR A 214 1.44 2.06 -5.89
CA TYR A 214 1.00 3.27 -6.59
C TYR A 214 1.99 4.04 -7.44
N GLY A 215 3.22 3.56 -7.52
CA GLY A 215 4.26 4.23 -8.28
C GLY A 215 3.89 4.74 -9.66
N GLU A 216 3.20 3.90 -10.44
CA GLU A 216 2.80 4.30 -11.78
C GLU A 216 1.68 5.34 -11.82
N LEU A 217 0.99 5.55 -10.71
CA LEU A 217 -0.09 6.52 -10.65
C LEU A 217 0.44 7.93 -10.36
N ARG A 218 1.37 8.41 -11.18
CA ARG A 218 1.95 9.74 -11.04
C ARG A 218 1.16 10.78 -11.86
N TYR A 219 0.69 11.84 -11.22
CA TYR A 219 -0.08 12.84 -11.94
C TYR A 219 0.75 14.10 -12.23
N SER A 220 1.76 14.36 -11.42
CA SER A 220 2.61 15.53 -11.63
C SER A 220 4.02 15.25 -11.10
N GLY A 221 4.96 16.14 -11.39
CA GLY A 221 6.32 15.94 -10.93
C GLY A 221 7.10 14.96 -11.79
N ASN A 222 8.33 14.67 -11.40
CA ASN A 222 9.18 13.76 -12.16
C ASN A 222 9.28 12.40 -11.48
N PRO A 223 9.42 11.32 -12.27
CA PRO A 223 9.53 10.01 -11.62
C PRO A 223 10.70 9.95 -10.63
N GLU A 224 10.45 9.31 -9.49
CA GLU A 224 11.46 9.17 -8.46
C GLU A 224 12.23 7.89 -8.71
N LYS A 225 13.38 7.74 -8.05
CA LYS A 225 14.16 6.53 -8.21
C LYS A 225 13.68 5.57 -7.13
N LYS A 226 13.46 4.32 -7.51
CA LYS A 226 13.02 3.30 -6.57
C LYS A 226 14.18 3.04 -5.62
N ILE A 227 13.87 2.71 -4.37
CA ILE A 227 14.93 2.41 -3.41
C ILE A 227 15.67 1.18 -3.89
N LYS A 228 14.93 0.27 -4.52
CA LYS A 228 15.53 -0.95 -5.05
C LYS A 228 16.50 -0.63 -6.19
N ALA A 229 16.25 0.47 -6.88
CA ALA A 229 17.09 0.89 -7.99
C ALA A 229 18.46 1.36 -7.47
N LEU A 230 18.47 1.87 -6.25
CA LEU A 230 19.69 2.37 -5.60
C LEU A 230 20.31 1.26 -4.75
N ASP A 231 19.77 0.06 -4.87
CA ASP A 231 20.25 -1.10 -4.12
C ASP A 231 21.55 -1.62 -4.73
N ASN A 232 22.57 -1.80 -3.90
CA ASN A 232 23.85 -2.32 -4.39
C ASN A 232 24.21 -3.59 -3.65
N GLU A 233 23.83 -3.65 -2.38
CA GLU A 233 24.14 -4.79 -1.52
C GLU A 233 23.03 -5.84 -1.50
N GLY A 234 21.95 -5.58 -2.22
CA GLY A 234 20.84 -6.52 -2.24
C GLY A 234 20.09 -6.58 -0.92
N ARG A 235 20.02 -5.46 -0.20
CA ARG A 235 19.32 -5.41 1.08
C ARG A 235 17.85 -5.01 0.92
N VAL A 236 17.43 -4.73 -0.29
CA VAL A 236 16.03 -4.34 -0.51
C VAL A 236 15.17 -5.38 -1.17
N ILE A 237 13.97 -5.57 -0.63
CA ILE A 237 12.98 -6.49 -1.19
C ILE A 237 11.89 -5.56 -1.74
N TYR A 238 11.73 -5.56 -3.07
CA TYR A 238 10.76 -4.71 -3.75
C TYR A 238 9.45 -5.42 -4.06
N LEU A 239 8.33 -4.83 -3.65
CA LEU A 239 7.01 -5.41 -3.89
C LEU A 239 6.21 -4.57 -4.88
N GLY A 240 5.65 -5.23 -5.88
CA GLY A 240 4.84 -4.55 -6.87
C GLY A 240 3.56 -5.29 -7.10
N THR A 241 2.62 -4.67 -7.81
CA THR A 241 1.33 -5.32 -8.11
C THR A 241 0.62 -4.65 -9.29
N PHE A 242 -0.27 -5.42 -9.91
CA PHE A 242 -1.08 -4.97 -11.04
C PHE A 242 -2.43 -4.46 -10.57
N SER A 243 -2.68 -4.57 -9.27
CA SER A 243 -3.96 -4.15 -8.72
C SER A 243 -4.45 -2.78 -9.17
N LYS A 244 -3.64 -1.75 -8.99
CA LYS A 244 -4.05 -0.39 -9.35
C LYS A 244 -3.73 -0.01 -10.80
N ILE A 245 -3.01 -0.87 -11.49
CA ILE A 245 -2.57 -0.61 -12.88
C ILE A 245 -3.29 -1.46 -13.95
N LEU A 246 -4.08 -2.43 -13.51
CA LEU A 246 -4.82 -3.32 -14.39
C LEU A 246 -6.22 -3.46 -13.78
N ALA A 247 -6.34 -4.33 -12.79
CA ALA A 247 -7.60 -4.51 -12.08
C ALA A 247 -7.35 -5.37 -10.84
N PRO A 248 -7.97 -5.01 -9.72
CA PRO A 248 -7.80 -5.77 -8.48
C PRO A 248 -8.26 -7.22 -8.64
N GLY A 249 -9.30 -7.40 -9.43
CA GLY A 249 -9.89 -8.71 -9.67
C GLY A 249 -8.96 -9.87 -9.92
N PHE A 250 -7.85 -9.63 -10.62
CA PHE A 250 -6.90 -10.71 -10.89
C PHE A 250 -6.00 -11.07 -9.71
N ARG A 251 -5.63 -10.06 -8.91
CA ARG A 251 -4.81 -10.28 -7.73
C ARG A 251 -3.43 -10.90 -8.03
N ILE A 252 -2.59 -10.16 -8.73
CA ILE A 252 -1.25 -10.64 -9.05
C ILE A 252 -0.20 -9.60 -8.73
N GLY A 253 0.74 -10.00 -7.89
CA GLY A 253 1.82 -9.11 -7.50
C GLY A 253 3.14 -9.82 -7.70
N TRP A 254 4.22 -9.17 -7.29
CA TRP A 254 5.55 -9.74 -7.41
C TRP A 254 6.47 -9.23 -6.31
N MET A 255 7.54 -9.99 -6.09
CA MET A 255 8.55 -9.69 -5.10
C MET A 255 9.93 -9.83 -5.74
N VAL A 256 10.73 -8.77 -5.69
CA VAL A 256 12.06 -8.79 -6.29
C VAL A 256 13.12 -8.48 -5.23
N GLY A 257 14.17 -9.30 -5.19
CA GLY A 257 15.23 -9.09 -4.23
C GLY A 257 16.38 -10.07 -4.41
N ASP A 258 17.19 -10.22 -3.36
CA ASP A 258 18.35 -11.12 -3.39
C ASP A 258 17.91 -12.56 -3.68
N PRO A 259 18.52 -13.20 -4.69
CA PRO A 259 18.16 -14.57 -5.04
C PRO A 259 18.19 -15.51 -3.84
N GLY A 260 19.03 -15.19 -2.86
CA GLY A 260 19.13 -16.01 -1.67
C GLY A 260 17.90 -15.86 -0.77
N ILE A 261 17.25 -14.71 -0.87
CA ILE A 261 16.05 -14.48 -0.07
C ILE A 261 14.82 -15.05 -0.78
N ILE A 262 14.75 -14.85 -2.09
CA ILE A 262 13.63 -15.35 -2.88
C ILE A 262 13.54 -16.88 -2.69
N ARG A 263 14.71 -17.51 -2.58
CA ARG A 263 14.81 -18.95 -2.38
C ARG A 263 13.95 -19.42 -1.22
N LYS A 264 14.19 -18.86 -0.03
CA LYS A 264 13.42 -19.25 1.15
C LYS A 264 11.97 -18.78 1.06
N MET A 265 11.74 -17.66 0.39
CA MET A 265 10.39 -17.13 0.24
C MET A 265 9.56 -18.16 -0.51
N GLU A 266 10.13 -18.69 -1.59
CA GLU A 266 9.47 -19.69 -2.41
C GLU A 266 9.06 -20.91 -1.57
N ILE A 267 10.02 -21.46 -0.84
CA ILE A 267 9.80 -22.62 0.01
C ILE A 267 8.68 -22.37 1.03
N ALA A 268 8.64 -21.16 1.58
CA ALA A 268 7.61 -20.79 2.55
C ALA A 268 6.23 -20.73 1.89
N LYS A 269 6.19 -20.24 0.64
CA LYS A 269 4.95 -20.14 -0.11
C LYS A 269 4.39 -21.52 -0.42
N GLN A 270 5.27 -22.51 -0.52
CA GLN A 270 4.87 -23.89 -0.80
C GLN A 270 3.95 -24.46 0.28
N SER A 271 4.06 -23.94 1.50
CA SER A 271 3.22 -24.40 2.60
C SER A 271 1.98 -23.54 2.80
N THR A 272 2.08 -22.27 2.38
CA THR A 272 0.96 -21.34 2.50
C THR A 272 -0.14 -21.71 1.51
N ASP A 273 0.26 -21.92 0.26
CA ASP A 273 -0.64 -22.31 -0.81
C ASP A 273 0.20 -22.81 -1.99
N LEU A 274 -0.38 -23.65 -2.83
CA LEU A 274 0.35 -24.17 -3.98
C LEU A 274 0.93 -23.05 -4.82
N CYS A 275 0.04 -22.30 -5.48
CA CYS A 275 0.45 -21.20 -6.34
C CYS A 275 -0.73 -20.26 -6.59
N THR A 276 -0.44 -19.03 -6.99
CA THR A 276 -1.50 -18.07 -7.28
C THR A 276 -2.19 -18.56 -8.54
N ASN A 277 -3.42 -18.10 -8.74
CA ASN A 277 -4.17 -18.50 -9.91
C ASN A 277 -3.29 -18.23 -11.15
N VAL A 278 -3.02 -19.29 -11.89
CA VAL A 278 -2.19 -19.21 -13.09
C VAL A 278 -2.89 -18.40 -14.18
N PHE A 279 -4.21 -18.52 -14.24
CA PHE A 279 -4.98 -17.81 -15.24
C PHE A 279 -4.68 -16.32 -15.19
N GLY A 280 -4.67 -15.78 -13.96
CA GLY A 280 -4.41 -14.37 -13.76
C GLY A 280 -3.00 -14.01 -14.19
N GLN A 281 -2.05 -14.90 -13.94
CA GLN A 281 -0.68 -14.64 -14.34
C GLN A 281 -0.55 -14.54 -15.86
N VAL A 282 -1.24 -15.41 -16.58
CA VAL A 282 -1.19 -15.38 -18.03
C VAL A 282 -1.80 -14.08 -18.57
N VAL A 283 -2.84 -13.59 -17.91
CA VAL A 283 -3.47 -12.35 -18.32
C VAL A 283 -2.50 -11.18 -18.12
N ALA A 284 -1.84 -11.15 -16.97
CA ALA A 284 -0.89 -10.10 -16.65
C ALA A 284 0.30 -10.11 -17.59
N TRP A 285 0.75 -11.30 -17.97
CA TRP A 285 1.88 -11.42 -18.89
C TRP A 285 1.55 -10.77 -20.23
N ARG A 286 0.39 -11.12 -20.78
CA ARG A 286 -0.03 -10.54 -22.05
C ARG A 286 -0.18 -9.03 -21.91
N TYR A 287 -0.74 -8.61 -20.78
CA TYR A 287 -0.96 -7.19 -20.52
C TYR A 287 0.32 -6.36 -20.61
N VAL A 288 1.42 -6.90 -20.09
CA VAL A 288 2.69 -6.20 -20.12
C VAL A 288 3.46 -6.46 -21.41
N ASP A 289 3.59 -7.75 -21.75
CA ASP A 289 4.30 -8.16 -22.95
C ASP A 289 3.64 -7.62 -24.21
N GLY A 290 2.32 -7.46 -24.15
CA GLY A 290 1.59 -6.96 -25.30
C GLY A 290 1.69 -5.45 -25.43
N GLY A 291 2.38 -4.83 -24.49
CA GLY A 291 2.53 -3.38 -24.51
C GLY A 291 1.28 -2.61 -24.13
N TYR A 292 0.24 -3.33 -23.70
CA TYR A 292 -1.00 -2.66 -23.32
C TYR A 292 -0.81 -1.83 -22.06
N LEU A 293 0.07 -2.29 -21.19
CA LEU A 293 0.35 -1.59 -19.95
C LEU A 293 0.87 -0.17 -20.19
N GLU A 294 1.88 -0.06 -21.04
CA GLU A 294 2.49 1.23 -21.34
C GLU A 294 1.48 2.20 -21.96
N LYS A 295 0.52 1.66 -22.69
CA LYS A 295 -0.50 2.48 -23.34
C LYS A 295 -1.62 2.88 -22.39
N HIS A 296 -1.94 2.01 -21.43
CA HIS A 296 -3.03 2.29 -20.51
C HIS A 296 -2.68 3.22 -19.35
N ILE A 297 -1.45 3.11 -18.85
CA ILE A 297 -1.03 3.93 -17.73
C ILE A 297 -1.36 5.42 -17.92
N PRO A 298 -0.91 6.03 -19.02
CA PRO A 298 -1.22 7.45 -19.21
C PRO A 298 -2.72 7.75 -19.18
N GLU A 299 -3.52 6.74 -19.51
CA GLU A 299 -4.96 6.88 -19.52
C GLU A 299 -5.51 6.95 -18.10
N ILE A 300 -4.93 6.17 -17.19
CA ILE A 300 -5.35 6.17 -15.79
C ILE A 300 -4.98 7.49 -15.14
N ARG A 301 -3.79 7.98 -15.48
CA ARG A 301 -3.32 9.25 -14.96
C ARG A 301 -4.25 10.39 -15.35
N LYS A 302 -4.73 10.37 -16.60
CA LYS A 302 -5.64 11.41 -17.08
C LYS A 302 -6.96 11.42 -16.31
N PHE A 303 -7.45 10.24 -15.94
CA PHE A 303 -8.70 10.10 -15.21
C PHE A 303 -8.59 10.59 -13.76
N TYR A 304 -7.53 10.19 -13.07
CA TYR A 304 -7.36 10.56 -11.67
C TYR A 304 -6.81 11.96 -11.40
N LYS A 305 -5.95 12.47 -12.28
CA LYS A 305 -5.36 13.80 -12.04
C LYS A 305 -6.39 14.88 -11.69
N PRO A 306 -7.46 15.03 -12.50
CA PRO A 306 -8.45 16.06 -12.19
C PRO A 306 -9.21 15.81 -10.89
N ARG A 307 -9.28 14.55 -10.48
CA ARG A 307 -9.98 14.22 -9.25
C ARG A 307 -9.11 14.65 -8.07
N ARG A 308 -7.80 14.48 -8.19
CA ARG A 308 -6.93 14.92 -7.13
C ARG A 308 -6.99 16.44 -7.08
N ASP A 309 -6.87 17.07 -8.23
CA ASP A 309 -6.88 18.53 -8.29
C ASP A 309 -8.18 19.11 -7.76
N ALA A 310 -9.29 18.45 -8.04
CA ALA A 310 -10.58 18.92 -7.55
C ALA A 310 -10.62 18.86 -6.03
N MET A 311 -10.09 17.78 -5.43
CA MET A 311 -10.10 17.70 -3.97
C MET A 311 -9.16 18.71 -3.33
N LEU A 312 -7.99 18.92 -3.92
CA LEU A 312 -7.04 19.89 -3.37
C LEU A 312 -7.62 21.30 -3.47
N GLU A 313 -8.32 21.58 -4.55
CA GLU A 313 -8.93 22.88 -4.75
C GLU A 313 -10.04 23.10 -3.72
N ALA A 314 -10.88 22.09 -3.52
CA ALA A 314 -11.97 22.20 -2.56
C ALA A 314 -11.46 22.37 -1.14
N LEU A 315 -10.42 21.64 -0.77
CA LEU A 315 -9.85 21.76 0.57
C LEU A 315 -9.36 23.18 0.81
N GLU A 316 -8.51 23.66 -0.10
CA GLU A 316 -7.96 25.01 0.01
C GLU A 316 -9.00 26.10 0.11
N GLU A 317 -10.21 25.85 -0.40
CA GLU A 317 -11.26 26.86 -0.36
C GLU A 317 -12.27 26.70 0.77
N PHE A 318 -12.56 25.47 1.15
CA PHE A 318 -13.56 25.24 2.19
C PHE A 318 -13.02 25.02 3.61
N MET A 319 -11.83 24.46 3.72
CA MET A 319 -11.23 24.20 5.03
C MET A 319 -10.88 25.46 5.81
N PRO A 320 -11.21 25.49 7.11
CA PRO A 320 -10.92 26.65 7.95
C PRO A 320 -9.48 26.64 8.45
N GLU A 321 -9.09 27.73 9.12
CA GLU A 321 -7.75 27.89 9.66
C GLU A 321 -7.36 26.74 10.57
N GLY A 322 -6.09 26.35 10.52
CA GLY A 322 -5.62 25.27 11.36
C GLY A 322 -5.54 23.91 10.69
N VAL A 323 -6.44 23.66 9.75
CA VAL A 323 -6.44 22.38 9.05
C VAL A 323 -5.33 22.32 8.02
N LYS A 324 -4.62 21.20 7.99
CA LYS A 324 -3.51 21.01 7.05
C LYS A 324 -3.70 19.69 6.30
N TRP A 325 -3.08 19.57 5.13
CA TRP A 325 -3.22 18.35 4.36
C TRP A 325 -2.04 18.17 3.43
N THR A 326 -1.74 16.92 3.08
CA THR A 326 -0.63 16.69 2.17
C THR A 326 -1.07 16.97 0.76
N LYS A 327 -0.08 17.11 -0.13
CA LYS A 327 -0.37 17.39 -1.53
C LYS A 327 0.40 16.37 -2.34
N PRO A 328 -0.20 15.19 -2.56
CA PRO A 328 0.48 14.14 -3.32
C PRO A 328 0.65 14.44 -4.80
N GLU A 329 1.73 13.89 -5.35
CA GLU A 329 2.01 14.05 -6.77
C GLU A 329 1.40 12.86 -7.50
N GLY A 330 0.77 11.97 -6.74
CA GLY A 330 0.14 10.81 -7.35
C GLY A 330 -0.57 9.95 -6.33
N GLY A 331 -1.02 8.78 -6.75
CA GLY A 331 -1.70 7.89 -5.82
C GLY A 331 -3.20 8.07 -5.73
N MET A 332 -3.77 7.76 -4.57
CA MET A 332 -5.21 7.80 -4.39
C MET A 332 -5.66 8.53 -3.14
N PHE A 333 -4.71 8.94 -2.30
CA PHE A 333 -5.07 9.58 -1.03
C PHE A 333 -4.46 10.92 -0.67
N ILE A 334 -5.21 11.63 0.16
CA ILE A 334 -4.83 12.91 0.74
C ILE A 334 -5.00 12.73 2.24
N TRP A 335 -3.94 13.08 2.97
CA TRP A 335 -3.87 12.95 4.43
C TRP A 335 -4.15 14.28 5.07
N VAL A 336 -5.19 14.34 5.89
CA VAL A 336 -5.56 15.60 6.53
C VAL A 336 -5.26 15.63 8.03
N THR A 337 -4.75 16.77 8.49
CA THR A 337 -4.42 16.95 9.90
C THR A 337 -5.22 18.11 10.49
N LEU A 338 -5.94 17.80 11.56
CA LEU A 338 -6.76 18.78 12.24
C LEU A 338 -6.03 19.36 13.46
N PRO A 339 -6.47 20.54 13.92
CA PRO A 339 -5.84 21.17 15.08
C PRO A 339 -5.94 20.24 16.29
N ASP A 340 -4.94 20.29 17.18
CA ASP A 340 -4.93 19.45 18.36
C ASP A 340 -6.24 19.58 19.15
N GLY A 341 -6.60 18.52 19.87
CA GLY A 341 -7.82 18.53 20.67
C GLY A 341 -8.98 17.92 19.91
N ILE A 342 -8.87 17.90 18.59
CA ILE A 342 -9.91 17.33 17.74
C ILE A 342 -9.61 15.86 17.50
N ASP A 343 -10.59 15.01 17.75
CA ASP A 343 -10.45 13.58 17.56
C ASP A 343 -11.28 13.14 16.36
N SER A 344 -10.60 12.86 15.25
CA SER A 344 -11.27 12.45 14.02
C SER A 344 -12.12 11.19 14.20
N LYS A 345 -11.69 10.33 15.10
CA LYS A 345 -12.39 9.09 15.38
C LYS A 345 -13.78 9.42 15.93
N LYS A 346 -13.84 10.36 16.87
CA LYS A 346 -15.10 10.76 17.47
C LYS A 346 -15.90 11.71 16.58
N MET A 347 -15.20 12.49 15.76
CA MET A 347 -15.86 13.44 14.86
C MET A 347 -16.53 12.73 13.68
N LEU A 348 -16.21 11.45 13.49
CA LEU A 348 -16.81 10.69 12.39
C LEU A 348 -18.32 10.67 12.51
N GLU A 349 -18.79 10.62 13.76
CA GLU A 349 -20.22 10.62 14.06
C GLU A 349 -20.92 11.85 13.49
N ARG A 350 -20.43 13.02 13.87
CA ARG A 350 -20.98 14.29 13.41
C ARG A 350 -20.77 14.48 11.92
N ALA A 351 -19.71 13.87 11.39
CA ALA A 351 -19.38 13.98 9.97
C ALA A 351 -20.40 13.23 9.11
N ILE A 352 -20.65 11.96 9.41
CA ILE A 352 -21.60 11.17 8.64
C ILE A 352 -23.00 11.75 8.76
N LYS A 353 -23.28 12.40 9.89
CA LYS A 353 -24.59 12.99 10.11
C LYS A 353 -24.81 14.14 9.13
N LYS A 354 -23.71 14.68 8.61
CA LYS A 354 -23.77 15.77 7.65
C LYS A 354 -23.61 15.27 6.21
N GLY A 355 -23.54 13.95 6.05
CA GLY A 355 -23.40 13.37 4.73
C GLY A 355 -21.98 13.27 4.17
N VAL A 356 -21.04 12.82 4.98
CA VAL A 356 -19.65 12.66 4.53
C VAL A 356 -18.89 11.71 5.46
N ALA A 357 -18.06 10.86 4.89
CA ALA A 357 -17.29 9.89 5.67
C ALA A 357 -15.82 9.91 5.26
N TYR A 358 -14.98 9.33 6.11
CA TYR A 358 -13.55 9.26 5.88
C TYR A 358 -13.00 8.21 6.83
N VAL A 359 -11.70 7.94 6.76
CA VAL A 359 -11.10 6.96 7.65
C VAL A 359 -10.27 7.65 8.71
N PRO A 360 -10.65 7.49 9.99
CA PRO A 360 -9.87 8.14 11.04
C PRO A 360 -8.43 7.62 10.93
N GLY A 361 -7.45 8.53 10.95
CA GLY A 361 -6.08 8.11 10.81
C GLY A 361 -5.50 7.21 11.89
N GLU A 362 -6.16 7.20 13.04
CA GLU A 362 -5.71 6.40 14.18
C GLU A 362 -5.46 4.93 13.85
N ALA A 363 -6.25 4.40 12.92
CA ALA A 363 -6.12 3.00 12.51
C ALA A 363 -4.82 2.72 11.75
N PHE A 364 -4.21 3.78 11.21
CA PHE A 364 -2.98 3.62 10.44
C PHE A 364 -1.70 3.71 11.26
N TYR A 365 -1.82 3.81 12.58
CA TYR A 365 -0.64 3.87 13.44
C TYR A 365 -0.44 2.57 14.22
N ALA A 366 0.80 2.09 14.24
CA ALA A 366 1.12 0.87 14.95
C ALA A 366 0.77 0.99 16.43
N HIS A 367 1.15 2.11 17.03
CA HIS A 367 0.89 2.35 18.45
C HIS A 367 -0.34 3.22 18.68
N ARG A 368 -0.91 3.75 17.60
CA ARG A 368 -2.09 4.60 17.71
C ARG A 368 -1.91 5.69 18.75
N ASP A 369 -1.03 6.63 18.45
CA ASP A 369 -0.75 7.74 19.36
C ASP A 369 -1.08 9.09 18.75
N VAL A 370 -1.78 9.08 17.62
CA VAL A 370 -2.18 10.31 16.93
C VAL A 370 -3.68 10.20 16.62
N LYS A 371 -4.46 11.16 17.11
CA LYS A 371 -5.91 11.12 16.89
C LYS A 371 -6.49 12.27 16.06
N ASN A 372 -5.65 13.20 15.62
CA ASN A 372 -6.16 14.33 14.84
C ASN A 372 -5.87 14.22 13.34
N THR A 373 -5.88 13.01 12.80
CA THR A 373 -5.62 12.81 11.37
C THR A 373 -6.70 11.97 10.71
N MET A 374 -6.75 11.99 9.38
CA MET A 374 -7.73 11.21 8.65
C MET A 374 -7.36 11.05 7.18
N ARG A 375 -7.75 9.93 6.59
CA ARG A 375 -7.43 9.65 5.20
C ARG A 375 -8.62 9.94 4.28
N LEU A 376 -8.35 10.59 3.17
CA LEU A 376 -9.40 10.89 2.21
C LEU A 376 -9.01 10.25 0.88
N ASN A 377 -10.01 9.72 0.16
CA ASN A 377 -9.79 9.11 -1.14
C ASN A 377 -10.47 9.93 -2.22
N PHE A 378 -9.80 10.11 -3.37
CA PHE A 378 -10.38 10.88 -4.47
C PHE A 378 -10.54 10.10 -5.78
N THR A 379 -10.35 8.78 -5.74
CA THR A 379 -10.46 7.96 -6.96
C THR A 379 -11.79 7.26 -7.20
N TYR A 380 -12.49 6.92 -6.14
CA TYR A 380 -13.76 6.21 -6.28
C TYR A 380 -14.97 7.13 -6.41
N VAL A 381 -14.84 8.35 -5.93
CA VAL A 381 -15.93 9.33 -5.99
C VAL A 381 -15.74 10.30 -7.15
N ASP A 382 -16.86 10.81 -7.67
CA ASP A 382 -16.86 11.75 -8.78
C ASP A 382 -16.45 13.15 -8.36
N GLU A 383 -15.84 13.89 -9.29
CA GLU A 383 -15.36 15.24 -9.01
C GLU A 383 -16.44 16.16 -8.46
N ASP A 384 -17.65 16.04 -8.99
CA ASP A 384 -18.76 16.88 -8.53
C ASP A 384 -19.08 16.55 -7.06
N LYS A 385 -18.95 15.27 -6.71
CA LYS A 385 -19.22 14.86 -5.35
C LYS A 385 -18.05 15.23 -4.43
N ILE A 386 -16.85 15.30 -5.00
CA ILE A 386 -15.67 15.66 -4.22
C ILE A 386 -15.85 17.06 -3.62
N MET A 387 -16.23 18.02 -4.44
CA MET A 387 -16.43 19.40 -3.98
C MET A 387 -17.44 19.44 -2.83
N GLU A 388 -18.58 18.79 -3.04
CA GLU A 388 -19.63 18.76 -2.03
C GLU A 388 -19.24 17.95 -0.81
N GLY A 389 -18.38 16.93 -1.00
CA GLY A 389 -17.94 16.11 0.11
C GLY A 389 -17.01 16.91 1.00
N ILE A 390 -16.02 17.55 0.40
CA ILE A 390 -15.04 18.36 1.13
C ILE A 390 -15.75 19.49 1.86
N LYS A 391 -16.80 20.02 1.25
CA LYS A 391 -17.58 21.11 1.83
C LYS A 391 -18.25 20.63 3.11
N ARG A 392 -18.96 19.51 3.04
CA ARG A 392 -19.64 18.96 4.22
C ARG A 392 -18.64 18.64 5.32
N LEU A 393 -17.43 18.23 4.93
CA LEU A 393 -16.39 17.90 5.89
C LEU A 393 -15.87 19.18 6.53
N ALA A 394 -15.75 20.23 5.73
CA ALA A 394 -15.29 21.52 6.21
C ALA A 394 -16.23 22.08 7.29
N GLU A 395 -17.53 21.96 7.06
CA GLU A 395 -18.52 22.44 8.03
C GLU A 395 -18.48 21.58 9.28
N THR A 396 -18.28 20.28 9.09
CA THR A 396 -18.20 19.34 10.22
C THR A 396 -17.06 19.76 11.16
N ILE A 397 -15.95 20.19 10.58
CA ILE A 397 -14.79 20.62 11.36
C ILE A 397 -15.03 21.96 12.05
N LYS A 398 -15.60 22.91 11.32
CA LYS A 398 -15.87 24.23 11.88
C LYS A 398 -16.80 24.17 13.09
N GLU A 399 -17.81 23.31 13.03
CA GLU A 399 -18.77 23.17 14.11
C GLU A 399 -18.21 22.50 15.36
N GLU A 400 -17.42 21.44 15.18
CA GLU A 400 -16.88 20.74 16.33
C GLU A 400 -15.80 21.57 17.04
N LEU A 401 -15.46 22.72 16.46
CA LEU A 401 -14.46 23.61 17.06
C LEU A 401 -15.13 24.55 18.04
N LYS A 402 -16.42 24.80 17.82
CA LYS A 402 -17.20 25.67 18.70
C LYS A 402 -17.84 24.86 19.81
N ALA A 403 -18.92 24.16 19.48
CA ALA A 403 -19.65 23.32 20.43
C ALA A 403 -19.42 21.85 20.13
#